data_7KQM
#
_entry.id   7KQM
#
_cell.length_a   96.350
_cell.length_b   96.350
_cell.length_c   368.990
_cell.angle_alpha   90.000
_cell.angle_beta   90.000
_cell.angle_gamma   120.000
#
_symmetry.space_group_name_H-M   'P 61 2 2'
#
loop_
_entity.id
_entity.type
_entity.pdbx_description
1 polymer 'Telomerase reverse transcriptase'
2 polymer "RNA (5'-R(*AP*UP*CP*CP*AP*GP*GP*UP*GP*CP*AP*C)-D(P*AP*AP*AP*GP*AP*A)-3')"
3 polymer "DNA (5'-D(*TP*TP*CP*TP*TP*TP*GP*TP*GP*CP*AP*CP*CP*TP*G)-3')"
4 non-polymer 1,2-ETHANEDIOL
5 non-polymer DI(HYDROXYETHYL)ETHER
6 water water
#
loop_
_entity_poly.entity_id
_entity_poly.type
_entity_poly.pdbx_seq_one_letter_code
_entity_poly.pdbx_strand_id
1 'polypeptide(L)'
;MVHYYRLSLKSRQKAPKIVNSKYNSILNIALKNFRLCKKHKTKKPVQILALLQEIIPKSYFGTTTNLKRFYKVVEKILTQ
SSFECIHLSVLHKCYDYDAIPWLQNVEPNLRPKLLLKHNLFLLDNIVKPIIAFYYKPIKTLNGHEIKFIRKEEYISFESK
VFHKLKKMKYLVEVQDEVKPRGVLNIIPKQDNFRAIVSIFPDSARKPFFKLLTSKIYKVLEEKYKTSGSLYTCWSEFTQK
TQGQIYGIKVDIRDAYGNVKIPVLCKLIQSIPTHLLDSEKKNFIVDHISNQFVAFRRKIYKWNHGLLQGDPLSGCLCELY
MAFMDRLYFSNLDKDAFIHRTVDDYFFCSPHPHKVYDFELLIKGVYQVNPTKTRTNLPTHRHPQDEIPYCGKIFNLTTRQ
VRTLYKLPPNYEIRHKFKLWNFNNQISDDNPARFLQKAMDFPFICNSFTKFEFNTVFNDQRTVFANFYDAMICVAYKFDA
AMMALRTSFLVNDFGFIWLVLSSTVRAYASRAFKKIVTYKGGKYRKVTFQCLKSIAWRAFLAVLKRRTEIYKGLIDRIKS
REKLTMKFHDGEVDASYFCKLPEKFRFVKINRKASI
;
A
2 'polyribonucleotide' AUCCAGGUGCAC(DA)(DA)(DA)(DG)(DA)(DA) B
3 'polydeoxyribonucleotide' (DT)(DT)(DC)(DT)(DT)(DT)(DG)(DT)(DG)(DC)(DA)(DC)(DC)(DT)(DG) C
#
# COMPACT_ATOMS: atom_id res chain seq x y z
N MET A 1 -6.78 13.70 26.33
CA MET A 1 -5.63 13.67 25.43
C MET A 1 -5.89 12.79 24.22
N VAL A 2 -7.13 12.31 24.09
CA VAL A 2 -7.54 11.47 22.97
C VAL A 2 -8.35 12.32 22.00
N HIS A 3 -7.84 12.45 20.77
CA HIS A 3 -8.45 13.32 19.77
C HIS A 3 -9.00 12.58 18.55
N TYR A 4 -8.58 11.35 18.30
CA TYR A 4 -8.92 10.64 17.08
C TYR A 4 -9.98 9.57 17.34
N TYR A 5 -10.75 9.27 16.30
CA TYR A 5 -11.68 8.14 16.30
C TYR A 5 -11.34 7.26 15.10
N ARG A 6 -11.03 5.99 15.36
CA ARG A 6 -10.64 5.08 14.30
C ARG A 6 -11.86 4.60 13.53
N LEU A 7 -11.74 4.58 12.20
CA LEU A 7 -12.81 4.10 11.33
C LEU A 7 -12.76 2.60 11.11
N SER A 8 -11.73 1.92 11.62
CA SER A 8 -11.58 0.49 11.39
C SER A 8 -12.77 -0.28 11.92
N LEU A 9 -13.23 -1.26 11.13
CA LEU A 9 -14.28 -2.14 11.59
C LEU A 9 -13.83 -3.04 12.74
N LYS A 10 -12.52 -3.16 12.96
CA LYS A 10 -12.02 -3.99 14.04
C LYS A 10 -12.27 -3.39 15.41
N SER A 11 -12.46 -2.07 15.49
CA SER A 11 -12.69 -1.40 16.75
C SER A 11 -14.16 -1.39 17.15
N ARG A 12 -14.99 -2.17 16.48
CA ARG A 12 -16.41 -2.28 16.83
C ARG A 12 -16.57 -3.20 18.04
N GLN A 13 -17.81 -3.37 18.46
CA GLN A 13 -18.14 -4.25 19.57
C GLN A 13 -19.54 -4.79 19.39
N LYS A 14 -19.88 -5.82 20.15
CA LYS A 14 -21.21 -6.39 20.08
C LYS A 14 -22.21 -5.54 20.85
N ALA A 15 -23.45 -5.59 20.40
CA ALA A 15 -24.53 -4.83 21.01
C ALA A 15 -25.34 -5.75 21.92
N PRO A 16 -25.62 -5.34 23.15
CA PRO A 16 -26.54 -6.11 24.00
C PRO A 16 -27.96 -5.98 23.48
N LYS A 17 -28.84 -6.82 24.05
CA LYS A 17 -30.25 -6.76 23.64
C LYS A 17 -30.88 -5.44 24.07
N ILE A 18 -30.56 -4.95 25.27
CA ILE A 18 -31.03 -3.66 25.72
C ILE A 18 -29.83 -2.73 25.74
N VAL A 19 -30.04 -1.49 26.08
CA VAL A 19 -29.00 -0.47 26.06
C VAL A 19 -28.50 -0.32 27.48
N ASN A 20 -27.22 0.01 27.65
CA ASN A 20 -26.71 0.19 28.99
C ASN A 20 -27.46 1.31 29.70
N SER A 21 -27.55 1.19 31.03
CA SER A 21 -28.19 2.24 31.82
C SER A 21 -27.43 3.55 31.79
N LYS A 22 -26.19 3.56 31.31
CA LYS A 22 -25.47 4.82 31.15
C LYS A 22 -26.15 5.70 30.10
N TYR A 23 -26.65 5.09 29.03
CA TYR A 23 -27.17 5.82 27.88
C TYR A 23 -28.68 5.99 27.96
N ASN A 24 -29.24 6.56 26.89
CA ASN A 24 -30.68 6.76 26.75
C ASN A 24 -31.36 5.53 26.17
N SER A 25 -32.65 5.39 26.48
CA SER A 25 -33.48 4.31 25.96
C SER A 25 -33.80 4.48 24.48
N ILE A 26 -33.46 5.61 23.87
CA ILE A 26 -33.66 5.80 22.44
C ILE A 26 -32.75 4.90 21.62
N LEU A 27 -31.72 4.32 22.22
CA LEU A 27 -30.93 3.34 21.49
C LEU A 27 -31.61 1.98 21.44
N ASN A 28 -32.73 1.81 22.16
CA ASN A 28 -33.49 0.56 22.08
C ASN A 28 -34.16 0.41 20.72
N ILE A 29 -34.77 1.48 20.21
CA ILE A 29 -35.38 1.41 18.88
C ILE A 29 -34.32 1.15 17.83
N ALA A 30 -33.14 1.75 17.98
CA ALA A 30 -32.05 1.47 17.05
C ALA A 30 -31.63 0.01 17.11
N LEU A 31 -31.54 -0.56 18.31
CA LEU A 31 -31.14 -1.96 18.45
C LEU A 31 -32.21 -2.89 17.88
N LYS A 32 -33.48 -2.59 18.13
CA LYS A 32 -34.55 -3.48 17.68
C LYS A 32 -34.60 -3.56 16.16
N ASN A 33 -34.55 -2.40 15.49
CA ASN A 33 -34.54 -2.39 14.03
C ASN A 33 -33.27 -3.01 13.47
N PHE A 34 -32.19 -3.02 14.26
CA PHE A 34 -30.95 -3.64 13.83
C PHE A 34 -31.12 -5.15 13.66
N ARG A 35 -31.75 -5.81 14.64
CA ARG A 35 -31.99 -7.24 14.54
C ARG A 35 -33.00 -7.55 13.45
N LEU A 36 -34.04 -6.73 13.31
CA LEU A 36 -35.03 -6.95 12.26
C LEU A 36 -34.41 -6.83 10.88
N CYS A 37 -33.48 -5.89 10.71
CA CYS A 37 -32.76 -5.79 9.45
C CYS A 37 -31.96 -7.06 9.17
N LYS A 38 -31.43 -7.70 10.22
CA LYS A 38 -30.61 -8.90 10.05
C LYS A 38 -31.45 -10.13 9.76
N LYS A 39 -32.70 -10.14 10.19
CA LYS A 39 -33.53 -11.30 9.97
C LYS A 39 -34.03 -11.40 8.52
N HIS A 40 -34.41 -10.30 7.88
CA HIS A 40 -34.72 -10.42 6.47
C HIS A 40 -33.45 -10.60 5.66
N LYS A 41 -33.34 -11.77 5.03
CA LYS A 41 -32.43 -11.95 3.92
C LYS A 41 -32.67 -10.86 2.88
N THR A 42 -31.62 -10.54 2.14
CA THR A 42 -31.70 -9.49 1.13
C THR A 42 -32.35 -10.02 -0.13
N LYS A 43 -33.45 -9.39 -0.54
CA LYS A 43 -34.03 -9.69 -1.83
C LYS A 43 -33.21 -9.13 -2.98
N LYS A 44 -32.37 -8.14 -2.69
CA LYS A 44 -31.54 -7.46 -3.69
C LYS A 44 -30.33 -6.89 -2.97
N PRO A 45 -29.27 -6.51 -3.71
CA PRO A 45 -28.12 -5.86 -3.07
C PRO A 45 -28.54 -4.58 -2.36
N VAL A 46 -27.88 -4.32 -1.23
CA VAL A 46 -28.29 -3.26 -0.32
C VAL A 46 -27.39 -2.06 -0.49
N GLN A 47 -27.90 -0.90 -0.08
CA GLN A 47 -27.11 0.32 0.05
C GLN A 47 -27.08 0.68 1.53
N ILE A 48 -25.87 0.73 2.10
CA ILE A 48 -25.76 0.87 3.54
C ILE A 48 -26.36 2.19 4.01
N LEU A 49 -25.96 3.30 3.41
CA LEU A 49 -26.50 4.60 3.81
C LEU A 49 -28.02 4.63 3.69
N ALA A 50 -28.54 4.16 2.55
CA ALA A 50 -29.98 4.15 2.32
C ALA A 50 -30.71 3.20 3.24
N LEU A 51 -30.02 2.20 3.80
CA LEU A 51 -30.63 1.21 4.67
C LEU A 51 -30.56 1.60 6.15
N LEU A 52 -29.45 2.20 6.58
CA LEU A 52 -29.36 2.81 7.91
C LEU A 52 -30.50 3.79 8.18
N GLN A 53 -31.11 4.34 7.13
CA GLN A 53 -32.24 5.26 7.30
C GLN A 53 -33.41 4.61 8.01
N GLU A 54 -33.51 3.28 7.95
CA GLU A 54 -34.61 2.54 8.57
C GLU A 54 -34.27 1.96 9.94
N ILE A 55 -33.00 1.81 10.27
CA ILE A 55 -32.62 1.37 11.61
C ILE A 55 -32.58 2.54 12.58
N ILE A 56 -31.95 3.63 12.18
CA ILE A 56 -31.98 4.88 12.94
C ILE A 56 -33.31 5.61 12.76
N PRO A 57 -34.05 5.87 13.83
CA PRO A 57 -35.17 6.79 13.73
C PRO A 57 -34.66 8.22 13.54
N LYS A 58 -35.37 8.98 12.71
CA LYS A 58 -35.09 10.40 12.61
C LYS A 58 -35.32 11.09 13.95
N SER A 59 -36.08 10.46 14.84
CA SER A 59 -36.29 10.98 16.19
C SER A 59 -34.98 11.33 16.87
N TYR A 60 -33.96 10.47 16.71
CA TYR A 60 -32.68 10.68 17.39
C TYR A 60 -31.97 11.93 16.91
N PHE A 61 -32.25 12.40 15.70
CA PHE A 61 -31.52 13.52 15.10
C PHE A 61 -32.34 14.80 15.00
N GLY A 62 -33.66 14.71 14.92
CA GLY A 62 -34.46 15.92 14.82
C GLY A 62 -34.42 16.51 13.43
N THR A 63 -33.69 17.61 13.26
CA THR A 63 -33.55 18.26 11.97
C THR A 63 -32.72 17.41 11.02
N THR A 64 -32.92 17.65 9.73
CA THR A 64 -32.20 16.90 8.70
C THR A 64 -30.70 17.22 8.71
N THR A 65 -30.34 18.46 9.04
CA THR A 65 -28.91 18.82 9.03
C THR A 65 -28.13 18.08 10.10
N ASN A 66 -28.76 17.75 11.23
CA ASN A 66 -28.10 16.91 12.23
C ASN A 66 -27.93 15.49 11.71
N LEU A 67 -28.96 14.96 11.05
CA LEU A 67 -28.89 13.63 10.45
C LEU A 67 -27.82 13.56 9.37
N LYS A 68 -27.75 14.58 8.51
CA LYS A 68 -26.73 14.57 7.45
C LYS A 68 -25.33 14.71 8.03
N ARG A 69 -25.17 15.47 9.10
CA ARG A 69 -23.85 15.63 9.72
C ARG A 69 -23.32 14.29 10.23
N PHE A 70 -24.20 13.48 10.84
CA PHE A 70 -23.78 12.17 11.34
C PHE A 70 -23.39 11.23 10.21
N TYR A 71 -24.17 11.21 9.13
CA TYR A 71 -23.94 10.26 8.06
C TYR A 71 -22.76 10.62 7.18
N LYS A 72 -22.25 11.85 7.29
CA LYS A 72 -20.96 12.16 6.65
C LYS A 72 -19.86 11.28 7.23
N VAL A 73 -19.88 11.06 8.54
CA VAL A 73 -18.92 10.17 9.18
C VAL A 73 -19.11 8.74 8.68
N VAL A 74 -20.37 8.30 8.56
CA VAL A 74 -20.64 6.95 8.08
C VAL A 74 -20.12 6.75 6.67
N GLU A 75 -20.28 7.77 5.81
CA GLU A 75 -19.76 7.68 4.46
C GLU A 75 -18.24 7.51 4.46
N LYS A 76 -17.55 8.19 5.39
CA LYS A 76 -16.10 8.02 5.50
C LYS A 76 -15.76 6.59 5.89
N ILE A 77 -16.54 5.98 6.79
CA ILE A 77 -16.30 4.60 7.19
C ILE A 77 -16.47 3.66 6.00
N LEU A 78 -17.51 3.88 5.19
CA LEU A 78 -17.79 3.00 4.04
C LEU A 78 -16.71 3.06 2.98
N THR A 79 -15.88 4.11 2.97
CA THR A 79 -14.84 4.29 1.96
C THR A 79 -13.51 4.60 2.62
N GLN A 80 -13.23 3.90 3.73
CA GLN A 80 -12.07 4.21 4.55
C GLN A 80 -10.79 3.65 3.95
N SER A 81 -9.67 4.19 4.41
CA SER A 81 -8.36 3.59 4.23
C SER A 81 -7.93 2.92 5.52
N SER A 82 -6.89 2.09 5.42
CA SER A 82 -6.31 1.51 6.63
C SER A 82 -5.70 2.61 7.49
N PHE A 83 -5.87 2.47 8.81
CA PHE A 83 -5.37 3.38 9.83
C PHE A 83 -6.01 4.78 9.74
N GLU A 84 -7.05 4.94 8.93
CA GLU A 84 -7.69 6.25 8.83
C GLU A 84 -8.50 6.56 10.08
N CYS A 85 -8.49 7.82 10.48
CA CYS A 85 -9.26 8.30 11.62
C CYS A 85 -9.95 9.60 11.25
N ILE A 86 -10.83 10.05 12.13
CA ILE A 86 -11.40 11.39 12.08
C ILE A 86 -11.29 11.99 13.47
N HIS A 87 -11.37 13.31 13.53
CA HIS A 87 -11.38 13.99 14.82
C HIS A 87 -12.66 13.64 15.58
N LEU A 88 -12.51 13.33 16.87
CA LEU A 88 -13.66 12.98 17.69
C LEU A 88 -14.66 14.12 17.79
N SER A 89 -14.17 15.37 17.70
CA SER A 89 -15.05 16.53 17.82
C SER A 89 -16.06 16.63 16.68
N VAL A 90 -15.81 15.97 15.55
CA VAL A 90 -16.74 16.00 14.44
C VAL A 90 -18.09 15.42 14.86
N LEU A 91 -18.09 14.48 15.81
CA LEU A 91 -19.30 13.81 16.26
C LEU A 91 -20.16 14.66 17.20
N HIS A 92 -19.65 15.79 17.70
CA HIS A 92 -20.41 16.59 18.65
C HIS A 92 -20.37 18.09 18.40
N LYS A 93 -19.68 18.56 17.36
CA LYS A 93 -19.58 19.99 17.08
C LYS A 93 -20.57 20.38 15.99
N CYS A 94 -21.05 21.63 16.08
CA CYS A 94 -21.95 22.25 15.12
C CYS A 94 -23.31 21.59 15.04
N TYR A 95 -23.65 20.73 16.00
CA TYR A 95 -24.97 20.12 16.04
C TYR A 95 -26.00 21.11 16.58
N ASP A 96 -27.23 20.98 16.11
CA ASP A 96 -28.36 21.74 16.66
C ASP A 96 -28.83 21.02 17.91
N TYR A 97 -28.23 21.37 19.05
CA TYR A 97 -28.45 20.63 20.28
C TYR A 97 -29.88 20.81 20.81
N ASP A 98 -30.49 21.96 20.55
CA ASP A 98 -31.84 22.23 21.04
C ASP A 98 -32.92 21.65 20.15
N ALA A 99 -32.56 21.02 19.03
CA ALA A 99 -33.53 20.53 18.05
C ALA A 99 -33.71 19.02 18.10
N ILE A 100 -33.31 18.37 19.18
CA ILE A 100 -33.46 16.92 19.28
C ILE A 100 -34.30 16.57 20.50
N PRO A 101 -35.23 15.61 20.40
CA PRO A 101 -36.11 15.31 21.53
C PRO A 101 -35.39 14.86 22.79
N TRP A 102 -34.32 14.09 22.66
CA TRP A 102 -33.75 13.40 23.80
C TRP A 102 -32.72 14.22 24.57
N LEU A 103 -32.49 15.47 24.19
CA LEU A 103 -31.64 16.37 24.95
C LEU A 103 -32.34 17.71 25.17
N GLN A 104 -33.65 17.67 25.39
CA GLN A 104 -34.41 18.91 25.58
C GLN A 104 -34.33 19.42 27.02
N ASN A 105 -34.45 18.52 27.99
CA ASN A 105 -34.49 18.88 29.39
C ASN A 105 -33.13 18.83 30.07
N VAL A 106 -32.05 18.62 29.30
CA VAL A 106 -30.72 18.37 29.86
C VAL A 106 -29.94 19.67 29.94
N GLU A 107 -29.03 19.70 30.91
CA GLU A 107 -28.14 20.84 31.11
C GLU A 107 -27.33 21.12 29.84
N PRO A 108 -27.17 22.38 29.36
CA PRO A 108 -26.46 22.62 28.10
C PRO A 108 -24.96 22.29 28.20
N ASN A 109 -24.36 22.48 29.37
CA ASN A 109 -22.90 22.26 29.55
C ASN A 109 -22.52 20.79 29.37
N LEU A 110 -23.35 19.85 29.85
CA LEU A 110 -22.95 18.41 29.85
C LEU A 110 -23.33 17.68 28.56
N ARG A 111 -24.45 18.03 27.93
CA ARG A 111 -24.93 17.27 26.77
C ARG A 111 -24.01 17.17 25.55
N PRO A 112 -23.08 18.11 25.29
CA PRO A 112 -22.11 17.83 24.22
C PRO A 112 -21.35 16.54 24.46
N LYS A 113 -21.06 16.23 25.73
CA LYS A 113 -20.47 14.94 26.05
C LYS A 113 -21.47 13.80 25.87
N LEU A 114 -22.76 14.05 26.15
CA LEU A 114 -23.74 12.96 26.04
C LEU A 114 -23.94 12.56 24.58
N LEU A 115 -24.03 13.54 23.67
CA LEU A 115 -24.20 13.22 22.26
C LEU A 115 -22.98 12.49 21.72
N LEU A 116 -21.79 12.85 22.20
CA LEU A 116 -20.58 12.16 21.76
C LEU A 116 -20.65 10.68 22.12
N LYS A 117 -21.06 10.36 23.34
CA LYS A 117 -21.16 8.96 23.75
C LYS A 117 -22.19 8.21 22.91
N HIS A 118 -23.37 8.82 22.69
CA HIS A 118 -24.42 8.15 21.94
C HIS A 118 -24.03 7.94 20.48
N ASN A 119 -23.35 8.92 19.88
CA ASN A 119 -22.87 8.75 18.52
C ASN A 119 -21.85 7.61 18.45
N LEU A 120 -20.97 7.52 19.45
CA LEU A 120 -20.00 6.42 19.48
C LEU A 120 -20.70 5.08 19.61
N PHE A 121 -21.76 5.00 20.43
CA PHE A 121 -22.47 3.74 20.58
C PHE A 121 -23.09 3.29 19.27
N LEU A 122 -23.69 4.22 18.52
CA LEU A 122 -24.27 3.85 17.23
C LEU A 122 -23.20 3.39 16.26
N LEU A 123 -22.08 4.10 16.20
CA LEU A 123 -21.02 3.74 15.26
C LEU A 123 -20.41 2.39 15.61
N ASP A 124 -20.19 2.13 16.90
CA ASP A 124 -19.49 0.92 17.31
C ASP A 124 -20.40 -0.28 17.49
N ASN A 125 -21.71 -0.07 17.68
CA ASN A 125 -22.64 -1.17 17.89
C ASN A 125 -23.63 -1.37 16.76
N ILE A 126 -23.81 -0.39 15.89
CA ILE A 126 -24.82 -0.48 14.82
C ILE A 126 -24.17 -0.29 13.46
N VAL A 127 -23.47 0.84 13.28
CA VAL A 127 -22.95 1.19 11.96
C VAL A 127 -21.89 0.19 11.51
N LYS A 128 -20.82 0.07 12.27
CA LYS A 128 -19.78 -0.90 11.91
C LYS A 128 -20.28 -2.34 11.89
N PRO A 129 -21.06 -2.81 12.87
CA PRO A 129 -21.55 -4.21 12.77
C PRO A 129 -22.43 -4.47 11.56
N ILE A 130 -23.25 -3.52 11.12
CA ILE A 130 -24.09 -3.77 9.96
C ILE A 130 -23.24 -3.83 8.69
N ILE A 131 -22.16 -3.06 8.63
CA ILE A 131 -21.24 -3.16 7.50
C ILE A 131 -20.55 -4.52 7.50
N ALA A 132 -20.05 -4.95 8.66
CA ALA A 132 -19.36 -6.23 8.76
C ALA A 132 -20.30 -7.40 8.51
N PHE A 133 -21.59 -7.24 8.84
CA PHE A 133 -22.55 -8.32 8.62
C PHE A 133 -22.79 -8.58 7.15
N TYR A 134 -22.60 -7.57 6.30
CA TYR A 134 -22.90 -7.68 4.88
C TYR A 134 -21.66 -7.76 3.99
N TYR A 135 -20.57 -7.10 4.37
CA TYR A 135 -19.37 -7.05 3.54
C TYR A 135 -18.17 -7.54 4.33
N LYS A 136 -17.20 -8.10 3.62
CA LYS A 136 -15.91 -8.43 4.20
C LYS A 136 -14.86 -7.48 3.65
N PRO A 137 -14.17 -6.71 4.49
CA PRO A 137 -13.13 -5.81 3.98
C PRO A 137 -11.90 -6.59 3.52
N ILE A 138 -11.43 -6.27 2.34
CA ILE A 138 -10.20 -6.84 1.78
C ILE A 138 -9.23 -5.71 1.48
N LYS A 139 -8.00 -5.85 1.95
CA LYS A 139 -6.95 -4.88 1.67
C LYS A 139 -6.21 -5.30 0.40
N THR A 140 -6.19 -4.40 -0.59
CA THR A 140 -5.58 -4.69 -1.88
C THR A 140 -4.06 -4.56 -1.85
N LEU A 141 -3.49 -4.02 -0.77
CA LEU A 141 -2.05 -3.77 -0.59
C LEU A 141 -1.52 -2.73 -1.56
N ASN A 142 -2.37 -2.12 -2.39
CA ASN A 142 -2.00 -0.95 -3.18
C ASN A 142 -2.18 0.28 -2.30
N GLY A 143 -1.17 0.53 -1.47
CA GLY A 143 -1.38 1.54 -0.44
C GLY A 143 -2.31 1.01 0.63
N HIS A 144 -3.01 1.93 1.30
CA HIS A 144 -3.94 1.58 2.35
C HIS A 144 -5.36 1.37 1.84
N GLU A 145 -5.52 1.06 0.56
CA GLU A 145 -6.83 0.90 -0.04
C GLU A 145 -7.54 -0.32 0.51
N ILE A 146 -8.85 -0.21 0.72
CA ILE A 146 -9.69 -1.31 1.18
C ILE A 146 -10.88 -1.42 0.24
N LYS A 147 -11.15 -2.63 -0.24
CA LYS A 147 -12.31 -2.92 -1.06
C LYS A 147 -13.27 -3.82 -0.30
N PHE A 148 -14.56 -3.55 -0.42
CA PHE A 148 -15.60 -4.32 0.26
C PHE A 148 -16.28 -5.24 -0.76
N ILE A 149 -16.22 -6.54 -0.51
CA ILE A 149 -16.88 -7.56 -1.30
C ILE A 149 -18.07 -8.07 -0.50
N ARG A 150 -19.13 -8.49 -1.20
CA ARG A 150 -20.18 -9.18 -0.47
C ARG A 150 -19.59 -10.35 0.29
N LYS A 151 -19.91 -10.42 1.59
CA LYS A 151 -19.43 -11.54 2.37
C LYS A 151 -20.08 -12.82 1.89
N GLU A 152 -21.32 -12.72 1.41
CA GLU A 152 -21.92 -13.90 0.79
C GLU A 152 -21.11 -14.35 -0.41
N GLU A 153 -20.67 -13.40 -1.24
CA GLU A 153 -19.83 -13.75 -2.37
C GLU A 153 -18.44 -14.20 -1.94
N TYR A 154 -17.94 -13.67 -0.83
CA TYR A 154 -16.63 -14.10 -0.34
C TYR A 154 -16.67 -15.51 0.23
N ILE A 155 -17.73 -15.84 0.99
CA ILE A 155 -17.83 -17.18 1.57
C ILE A 155 -17.89 -18.24 0.47
N SER A 156 -18.62 -17.95 -0.61
CA SER A 156 -18.66 -18.87 -1.75
C SER A 156 -17.30 -19.00 -2.40
N PHE A 157 -16.59 -17.88 -2.59
CA PHE A 157 -15.25 -17.94 -3.14
C PHE A 157 -14.30 -18.70 -2.22
N GLU A 158 -14.40 -18.44 -0.91
CA GLU A 158 -13.54 -19.12 0.05
C GLU A 158 -13.79 -20.62 0.06
N SER A 159 -15.06 -21.03 0.00
CA SER A 159 -15.39 -22.45 0.03
C SER A 159 -14.87 -23.17 -1.21
N LYS A 160 -14.97 -22.53 -2.38
CA LYS A 160 -14.46 -23.16 -3.60
C LYS A 160 -12.96 -23.37 -3.53
N VAL A 161 -12.22 -22.37 -3.04
CA VAL A 161 -10.78 -22.52 -2.87
C VAL A 161 -10.46 -23.56 -1.80
N PHE A 162 -11.23 -23.55 -0.70
CA PHE A 162 -10.99 -24.49 0.39
C PHE A 162 -11.16 -25.93 -0.07
N HIS A 163 -12.21 -26.21 -0.84
N HIS A 163 -12.22 -26.21 -0.83
CA HIS A 163 -12.43 -27.57 -1.33
CA HIS A 163 -12.43 -27.56 -1.34
C HIS A 163 -11.36 -27.97 -2.33
C HIS A 163 -11.32 -27.96 -2.31
N LYS A 164 -10.91 -27.03 -3.17
CA LYS A 164 -9.82 -27.33 -4.11
C LYS A 164 -8.51 -27.53 -3.36
N LEU A 165 -8.25 -26.73 -2.34
CA LEU A 165 -7.07 -26.92 -1.51
C LEU A 165 -7.09 -28.26 -0.79
N LYS A 166 -8.27 -28.86 -0.62
CA LYS A 166 -8.37 -30.19 -0.04
C LYS A 166 -8.31 -31.29 -1.10
N LYS A 167 -8.97 -31.09 -2.24
CA LYS A 167 -8.93 -32.07 -3.33
C LYS A 167 -7.49 -32.40 -3.70
N MET A 168 -6.74 -31.38 -4.12
CA MET A 168 -5.29 -31.46 -4.07
C MET A 168 -4.88 -31.49 -2.60
N LYS A 169 -3.88 -32.29 -2.26
CA LYS A 169 -3.56 -32.43 -0.85
C LYS A 169 -2.67 -31.29 -0.36
N TYR A 170 -3.09 -30.05 -0.67
CA TYR A 170 -2.40 -28.87 -0.13
C TYR A 170 -2.81 -28.60 1.30
N LEU A 171 -4.02 -29.00 1.68
CA LEU A 171 -4.57 -28.73 3.00
C LEU A 171 -5.19 -30.01 3.51
N VAL A 172 -4.68 -30.53 4.63
CA VAL A 172 -5.19 -31.77 5.21
C VAL A 172 -5.58 -31.50 6.67
N GLU A 173 -6.74 -32.01 7.06
CA GLU A 173 -7.20 -31.89 8.44
C GLU A 173 -6.41 -32.84 9.33
N VAL A 174 -6.04 -32.37 10.50
CA VAL A 174 -5.25 -33.16 11.45
C VAL A 174 -6.09 -33.40 12.69
N GLN A 175 -6.04 -34.62 13.19
CA GLN A 175 -6.72 -35.00 14.42
C GLN A 175 -5.84 -34.76 15.65
N ASP A 176 -4.61 -34.31 15.44
CA ASP A 176 -3.63 -34.19 16.51
C ASP A 176 -3.83 -32.87 17.27
N GLU A 177 -3.55 -32.88 18.57
CA GLU A 177 -3.49 -31.63 19.33
C GLU A 177 -2.14 -30.95 19.10
N VAL A 178 -2.07 -30.29 17.97
CA VAL A 178 -1.11 -29.24 17.73
C VAL A 178 -1.85 -27.92 17.89
N LYS A 179 -1.11 -26.87 18.19
CA LYS A 179 -1.90 -25.64 18.10
C LYS A 179 -1.44 -24.81 16.91
N PRO A 180 -2.38 -24.25 16.14
CA PRO A 180 -2.02 -23.53 14.92
C PRO A 180 -1.21 -22.29 15.21
N ARG A 181 -0.29 -21.97 14.31
CA ARG A 181 0.48 -20.74 14.42
C ARG A 181 -0.32 -19.52 14.01
N GLY A 182 -1.42 -19.72 13.30
CA GLY A 182 -2.25 -18.61 12.87
C GLY A 182 -3.52 -19.11 12.22
N VAL A 183 -4.22 -18.20 11.56
CA VAL A 183 -5.46 -18.50 10.87
C VAL A 183 -5.23 -18.40 9.37
N LEU A 184 -5.76 -19.36 8.63
CA LEU A 184 -5.63 -19.37 7.18
C LEU A 184 -6.57 -18.34 6.56
N ASN A 185 -6.02 -17.47 5.71
CA ASN A 185 -6.78 -16.45 5.02
C ASN A 185 -6.69 -16.67 3.52
N ILE A 186 -7.84 -16.77 2.85
CA ILE A 186 -7.85 -16.92 1.37
C ILE A 186 -8.03 -15.53 0.77
N ILE A 187 -7.03 -15.02 0.06
CA ILE A 187 -7.10 -13.62 -0.45
C ILE A 187 -7.45 -13.68 -1.95
N PRO A 188 -8.52 -13.01 -2.39
CA PRO A 188 -8.86 -12.97 -3.81
C PRO A 188 -7.78 -12.27 -4.64
N LYS A 189 -7.45 -12.85 -5.80
CA LYS A 189 -6.44 -12.25 -6.72
C LYS A 189 -7.06 -12.30 -8.11
N GLN A 190 -6.56 -11.53 -9.07
CA GLN A 190 -7.26 -11.55 -10.39
C GLN A 190 -7.16 -12.97 -10.96
N ASP A 191 -8.31 -13.58 -11.26
CA ASP A 191 -8.34 -14.96 -11.83
C ASP A 191 -7.42 -15.90 -11.03
N ASN A 192 -7.39 -15.77 -9.71
CA ASN A 192 -6.47 -16.60 -8.89
C ASN A 192 -6.77 -16.42 -7.39
N PHE A 193 -6.07 -17.17 -6.55
CA PHE A 193 -6.22 -17.00 -5.08
C PHE A 193 -4.83 -17.00 -4.44
N ARG A 194 -4.71 -16.41 -3.26
CA ARG A 194 -3.42 -16.48 -2.52
C ARG A 194 -3.71 -16.97 -1.11
N ALA A 195 -3.09 -18.06 -0.70
CA ALA A 195 -3.38 -18.62 0.61
C ALA A 195 -2.27 -18.20 1.58
N ILE A 196 -2.65 -17.49 2.64
CA ILE A 196 -1.70 -16.94 3.59
C ILE A 196 -2.13 -17.34 4.99
N VAL A 197 -1.18 -17.30 5.91
CA VAL A 197 -1.46 -17.48 7.33
C VAL A 197 -1.37 -16.12 8.01
N SER A 198 -2.40 -15.78 8.79
CA SER A 198 -2.36 -14.60 9.64
C SER A 198 -1.76 -15.05 10.96
N ILE A 199 -0.46 -14.85 11.12
CA ILE A 199 0.26 -15.40 12.26
C ILE A 199 -0.32 -14.82 13.55
N PHE A 200 -0.44 -15.68 14.56
CA PHE A 200 -0.91 -15.22 15.86
C PHE A 200 0.17 -14.36 16.51
N PRO A 201 -0.21 -13.30 17.23
CA PRO A 201 0.80 -12.46 17.89
C PRO A 201 1.56 -13.24 18.94
N ASP A 202 2.84 -13.49 18.71
CA ASP A 202 3.70 -14.24 19.61
C ASP A 202 4.90 -13.37 19.94
N SER A 203 4.73 -12.49 20.93
CA SER A 203 5.79 -11.57 21.29
C SER A 203 6.89 -12.25 22.11
N ALA A 204 6.52 -13.25 22.91
CA ALA A 204 7.49 -13.89 23.80
C ALA A 204 8.61 -14.56 23.02
N ARG A 205 8.32 -15.08 21.84
CA ARG A 205 9.31 -15.78 21.03
C ARG A 205 9.73 -14.98 19.80
N LYS A 206 9.38 -13.69 19.74
CA LYS A 206 9.80 -12.85 18.63
C LYS A 206 11.31 -12.70 18.53
N PRO A 207 12.06 -12.39 19.61
CA PRO A 207 13.51 -12.27 19.47
C PRO A 207 14.19 -13.52 18.96
N PHE A 208 13.68 -14.70 19.30
CA PHE A 208 14.25 -15.94 18.78
C PHE A 208 14.10 -16.03 17.27
N PHE A 209 12.97 -15.56 16.73
CA PHE A 209 12.77 -15.61 15.29
C PHE A 209 13.64 -14.59 14.57
N LYS A 210 13.88 -13.44 15.22
CA LYS A 210 14.78 -12.41 14.64
C LYS A 210 16.19 -13.00 14.57
N LEU A 211 16.59 -13.73 15.62
CA LEU A 211 17.90 -14.37 15.61
C LEU A 211 18.00 -15.40 14.49
N LEU A 212 16.95 -16.21 14.30
CA LEU A 212 16.97 -17.23 13.26
C LEU A 212 17.05 -16.62 11.88
N THR A 213 16.27 -15.55 11.62
CA THR A 213 16.30 -14.91 10.32
C THR A 213 17.66 -14.27 10.06
N SER A 214 18.26 -13.66 11.08
N SER A 214 18.26 -13.66 11.07
CA SER A 214 19.57 -13.04 10.90
CA SER A 214 19.57 -13.03 10.91
C SER A 214 20.64 -14.07 10.56
C SER A 214 20.63 -14.07 10.56
N LYS A 215 20.58 -15.24 11.20
CA LYS A 215 21.53 -16.31 10.89
C LYS A 215 21.38 -16.78 9.45
N ILE A 216 20.13 -16.93 8.98
CA ILE A 216 19.92 -17.38 7.61
C ILE A 216 20.47 -16.35 6.62
N TYR A 217 20.22 -15.07 6.88
CA TYR A 217 20.63 -14.04 5.93
C TYR A 217 22.15 -13.92 5.83
N LYS A 218 22.88 -14.32 6.88
CA LYS A 218 24.33 -14.28 6.72
C LYS A 218 24.83 -15.52 5.98
N VAL A 219 24.21 -16.68 6.23
CA VAL A 219 24.50 -17.86 5.42
C VAL A 219 24.32 -17.52 3.96
N LEU A 220 23.27 -16.75 3.65
CA LEU A 220 23.03 -16.31 2.29
C LEU A 220 24.18 -15.43 1.79
N GLU A 221 24.63 -14.49 2.61
CA GLU A 221 25.47 -13.42 2.04
C GLU A 221 26.96 -13.77 1.94
N GLU A 222 27.39 -14.83 2.63
CA GLU A 222 28.85 -15.14 2.64
C GLU A 222 29.17 -16.40 1.82
N LYS A 223 28.18 -17.23 1.51
CA LYS A 223 28.38 -18.42 0.64
C LYS A 223 27.66 -18.29 -0.71
N TYR A 224 26.90 -17.20 -0.95
CA TYR A 224 26.14 -17.08 -2.18
C TYR A 224 26.49 -15.76 -2.85
N LYS A 225 26.37 -15.71 -4.18
CA LYS A 225 26.83 -14.55 -4.93
C LYS A 225 26.06 -13.30 -4.58
N THR A 226 26.68 -12.40 -3.83
CA THR A 226 26.16 -11.05 -3.61
C THR A 226 26.87 -10.16 -4.63
N SER A 227 26.45 -10.27 -5.88
CA SER A 227 27.11 -9.55 -6.97
C SER A 227 27.08 -8.05 -6.73
N GLY A 228 26.01 -7.54 -6.17
CA GLY A 228 25.91 -6.13 -5.84
C GLY A 228 24.47 -5.68 -5.88
N SER A 229 24.29 -4.39 -5.62
CA SER A 229 22.97 -3.79 -5.71
C SER A 229 22.50 -3.76 -7.16
N LEU A 230 21.17 -3.73 -7.33
CA LEU A 230 20.60 -3.62 -8.67
C LEU A 230 21.11 -2.38 -9.39
N TYR A 231 21.41 -1.31 -8.63
CA TYR A 231 21.90 -0.08 -9.25
C TYR A 231 23.25 -0.30 -9.93
N THR A 232 24.18 -0.91 -9.19
CA THR A 232 25.54 -1.18 -9.73
C THR A 232 25.42 -2.11 -10.93
N CYS A 233 24.60 -3.16 -10.83
CA CYS A 233 24.47 -4.13 -11.92
C CYS A 233 23.96 -3.47 -13.18
N TRP A 234 22.99 -2.55 -13.05
CA TRP A 234 22.42 -1.92 -14.24
C TRP A 234 23.36 -0.90 -14.85
N SER A 235 24.03 -0.10 -14.01
CA SER A 235 24.95 0.90 -14.54
C SER A 235 26.13 0.24 -15.26
N GLU A 236 26.69 -0.81 -14.66
CA GLU A 236 27.81 -1.50 -15.29
C GLU A 236 27.39 -2.18 -16.58
N PHE A 237 26.22 -2.82 -16.59
CA PHE A 237 25.75 -3.53 -17.77
C PHE A 237 25.49 -2.57 -18.93
N THR A 238 24.88 -1.41 -18.64
CA THR A 238 24.56 -0.46 -19.70
C THR A 238 25.81 0.17 -20.30
N GLN A 239 26.82 0.43 -19.47
CA GLN A 239 28.03 1.08 -19.95
C GLN A 239 28.85 0.17 -20.86
N LYS A 240 28.77 -1.14 -20.67
CA LYS A 240 29.57 -2.09 -21.43
C LYS A 240 28.84 -2.69 -22.62
N THR A 241 27.60 -2.28 -22.87
CA THR A 241 26.82 -2.79 -23.99
C THR A 241 26.51 -1.65 -24.95
N GLN A 242 27.05 -1.74 -26.17
CA GLN A 242 26.82 -0.72 -27.19
C GLN A 242 25.55 -1.00 -28.00
N GLY A 243 25.32 -2.25 -28.38
CA GLY A 243 24.20 -2.59 -29.23
C GLY A 243 22.88 -2.65 -28.48
N GLN A 244 21.84 -2.98 -29.24
CA GLN A 244 20.50 -3.05 -28.69
C GLN A 244 20.42 -4.10 -27.59
N ILE A 245 19.80 -3.73 -26.46
CA ILE A 245 19.68 -4.60 -25.31
C ILE A 245 18.35 -5.33 -25.38
N TYR A 246 18.38 -6.65 -25.22
CA TYR A 246 17.16 -7.45 -25.11
C TYR A 246 17.06 -7.99 -23.68
N GLY A 247 15.83 -8.05 -23.17
CA GLY A 247 15.64 -8.45 -21.80
C GLY A 247 14.22 -8.89 -21.55
N ILE A 248 14.01 -9.45 -20.36
CA ILE A 248 12.70 -9.97 -19.99
C ILE A 248 12.57 -9.94 -18.47
N LYS A 249 11.37 -9.58 -18.01
CA LYS A 249 10.96 -9.77 -16.62
C LYS A 249 9.85 -10.81 -16.60
N VAL A 250 10.02 -11.83 -15.78
CA VAL A 250 9.06 -12.92 -15.72
C VAL A 250 8.74 -13.19 -14.26
N ASP A 251 7.48 -13.55 -13.99
CA ASP A 251 6.97 -13.69 -12.64
C ASP A 251 6.75 -15.16 -12.33
N ILE A 252 7.44 -15.65 -11.30
CA ILE A 252 7.21 -17.01 -10.82
C ILE A 252 5.87 -17.06 -10.10
N ARG A 253 5.03 -18.03 -10.45
CA ARG A 253 3.76 -18.21 -9.76
C ARG A 253 4.01 -19.06 -8.52
N ASP A 254 3.69 -18.52 -7.36
CA ASP A 254 3.74 -19.25 -6.09
C ASP A 254 5.13 -19.83 -5.83
N ALA A 255 6.10 -18.93 -5.66
CA ALA A 255 7.47 -19.37 -5.35
C ALA A 255 7.52 -20.10 -4.02
N TYR A 256 6.77 -19.63 -3.03
CA TYR A 256 6.77 -20.27 -1.72
C TYR A 256 6.15 -21.66 -1.78
N GLY A 257 5.03 -21.80 -2.51
CA GLY A 257 4.33 -23.06 -2.56
C GLY A 257 5.06 -24.15 -3.31
N ASN A 258 5.96 -23.78 -4.21
CA ASN A 258 6.70 -24.75 -5.00
C ASN A 258 8.09 -25.02 -4.43
N VAL A 259 8.37 -24.57 -3.21
CA VAL A 259 9.58 -24.95 -2.51
C VAL A 259 9.37 -26.36 -1.96
N LYS A 260 10.23 -27.29 -2.39
CA LYS A 260 10.12 -28.67 -1.93
C LYS A 260 10.81 -28.79 -0.57
N ILE A 261 10.00 -29.04 0.46
CA ILE A 261 10.52 -28.98 1.84
C ILE A 261 11.64 -29.98 2.08
N PRO A 262 11.57 -31.24 1.66
CA PRO A 262 12.70 -32.16 1.92
C PRO A 262 14.02 -31.65 1.34
N VAL A 263 14.00 -30.99 0.18
CA VAL A 263 15.22 -30.39 -0.34
C VAL A 263 15.68 -29.25 0.55
N LEU A 264 14.75 -28.41 1.01
CA LEU A 264 15.12 -27.29 1.87
C LEU A 264 15.70 -27.78 3.19
N CYS A 265 15.14 -28.88 3.74
CA CYS A 265 15.58 -29.37 5.04
C CYS A 265 17.04 -29.74 5.00
N LYS A 266 17.45 -30.37 3.92
CA LYS A 266 18.80 -30.87 3.83
C LYS A 266 19.76 -29.78 3.40
N LEU A 267 19.26 -28.71 2.74
CA LEU A 267 20.05 -27.48 2.65
C LEU A 267 20.33 -26.91 4.03
N ILE A 268 19.33 -26.90 4.91
CA ILE A 268 19.51 -26.34 6.26
C ILE A 268 20.50 -27.18 7.06
N GLN A 269 20.42 -28.50 6.89
CA GLN A 269 21.36 -29.40 7.62
C GLN A 269 22.77 -29.21 7.06
N SER A 270 22.91 -28.93 5.76
CA SER A 270 24.21 -28.76 5.14
C SER A 270 24.89 -27.46 5.55
N ILE A 271 24.19 -26.55 6.20
CA ILE A 271 24.81 -25.29 6.63
C ILE A 271 25.91 -25.58 7.63
N PRO A 272 27.09 -24.96 7.51
CA PRO A 272 28.18 -25.25 8.45
C PRO A 272 27.78 -24.90 9.87
N THR A 273 28.32 -25.69 10.81
CA THR A 273 27.86 -25.59 12.20
C THR A 273 28.16 -24.23 12.80
N HIS A 274 29.31 -23.63 12.46
CA HIS A 274 29.65 -22.34 13.02
C HIS A 274 28.71 -21.23 12.56
N LEU A 275 27.97 -21.44 11.47
CA LEU A 275 26.97 -20.47 11.04
C LEU A 275 25.59 -20.79 11.61
N LEU A 276 25.32 -22.05 11.95
CA LEU A 276 24.05 -22.44 12.53
C LEU A 276 24.25 -23.75 13.28
N ASP A 277 23.86 -23.79 14.55
CA ASP A 277 24.11 -24.95 15.39
C ASP A 277 23.01 -26.01 15.19
N SER A 278 23.17 -27.13 15.90
CA SER A 278 22.27 -28.27 15.68
C SER A 278 20.88 -28.01 16.25
N GLU A 279 20.78 -27.45 17.46
CA GLU A 279 19.47 -27.25 18.04
C GLU A 279 18.64 -26.25 17.23
N LYS A 280 19.28 -25.25 16.63
CA LYS A 280 18.56 -24.34 15.76
C LYS A 280 18.28 -24.96 14.40
N LYS A 281 19.16 -25.82 13.90
CA LYS A 281 18.88 -26.52 12.65
C LYS A 281 17.67 -27.42 12.79
N ASN A 282 17.57 -28.15 13.91
CA ASN A 282 16.43 -29.03 14.12
C ASN A 282 15.14 -28.24 14.29
N PHE A 283 15.22 -27.07 14.94
CA PHE A 283 14.03 -26.25 15.13
C PHE A 283 13.43 -25.83 13.79
N ILE A 284 14.29 -25.38 12.86
CA ILE A 284 13.79 -24.89 11.58
C ILE A 284 13.20 -26.02 10.75
N VAL A 285 13.85 -27.19 10.76
CA VAL A 285 13.31 -28.34 10.03
C VAL A 285 11.96 -28.74 10.60
N ASP A 286 11.86 -28.80 11.93
CA ASP A 286 10.56 -29.09 12.56
C ASP A 286 9.55 -28.00 12.26
N HIS A 287 9.98 -26.74 12.24
CA HIS A 287 9.06 -25.63 12.02
C HIS A 287 8.42 -25.70 10.63
N ILE A 288 9.23 -25.97 9.60
CA ILE A 288 8.68 -25.97 8.25
C ILE A 288 8.02 -27.28 7.87
N SER A 289 8.30 -28.37 8.60
CA SER A 289 7.67 -29.65 8.33
C SER A 289 6.33 -29.81 9.03
N ASN A 290 5.99 -28.93 9.98
CA ASN A 290 4.72 -28.98 10.69
C ASN A 290 4.11 -27.58 10.69
N GLN A 291 3.41 -27.24 9.60
CA GLN A 291 2.74 -25.96 9.46
C GLN A 291 1.26 -26.20 9.65
N PHE A 292 0.72 -25.75 10.79
CA PHE A 292 -0.67 -25.97 11.15
C PHE A 292 -1.40 -24.64 11.20
N VAL A 293 -2.58 -24.59 10.57
CA VAL A 293 -3.39 -23.39 10.54
C VAL A 293 -4.82 -23.74 10.97
N ALA A 294 -5.54 -22.72 11.41
CA ALA A 294 -6.93 -22.87 11.82
C ALA A 294 -7.83 -22.29 10.73
N PHE A 295 -8.88 -23.03 10.38
CA PHE A 295 -9.83 -22.59 9.37
C PHE A 295 -11.21 -23.07 9.75
N ARG A 296 -12.13 -22.14 9.96
CA ARG A 296 -13.50 -22.44 10.36
C ARG A 296 -13.51 -23.36 11.58
N ARG A 297 -12.78 -22.93 12.60
CA ARG A 297 -12.57 -23.63 13.87
C ARG A 297 -12.31 -25.13 13.66
N LYS A 298 -11.39 -25.40 12.74
CA LYS A 298 -10.78 -26.72 12.57
C LYS A 298 -9.29 -26.53 12.31
N ILE A 299 -8.51 -27.57 12.60
CA ILE A 299 -7.06 -27.50 12.46
C ILE A 299 -6.65 -28.23 11.19
N TYR A 300 -5.79 -27.60 10.39
CA TYR A 300 -5.36 -28.14 9.12
C TYR A 300 -3.85 -27.98 8.97
N LYS A 301 -3.25 -28.91 8.24
CA LYS A 301 -1.81 -28.90 7.99
C LYS A 301 -1.56 -28.40 6.56
N TRP A 302 -0.76 -27.35 6.43
CA TRP A 302 -0.38 -26.86 5.11
C TRP A 302 0.72 -27.75 4.53
N ASN A 303 0.43 -28.35 3.38
CA ASN A 303 1.28 -29.39 2.81
C ASN A 303 1.85 -29.01 1.45
N HIS A 304 1.90 -27.72 1.12
CA HIS A 304 2.41 -27.27 -0.18
C HIS A 304 3.49 -26.21 0.06
N GLY A 305 4.73 -26.66 0.23
CA GLY A 305 5.85 -25.75 0.32
C GLY A 305 5.81 -24.90 1.58
N LEU A 306 6.46 -23.75 1.48
CA LEU A 306 6.51 -22.80 2.60
C LEU A 306 5.21 -22.02 2.67
N LEU A 307 4.74 -21.78 3.88
CA LEU A 307 3.47 -21.12 4.11
C LEU A 307 3.67 -19.62 4.21
N GLN A 308 3.05 -18.88 3.29
CA GLN A 308 3.17 -17.43 3.27
C GLN A 308 2.56 -16.82 4.53
N GLY A 309 3.22 -15.80 5.07
CA GLY A 309 2.81 -15.14 6.29
C GLY A 309 3.58 -15.58 7.51
N ASP A 310 4.25 -16.72 7.45
CA ASP A 310 5.10 -17.13 8.56
C ASP A 310 6.38 -16.30 8.57
N PRO A 311 6.89 -15.93 9.75
CA PRO A 311 8.08 -15.07 9.81
C PRO A 311 9.31 -15.67 9.14
N LEU A 312 9.48 -17.00 9.17
CA LEU A 312 10.66 -17.62 8.62
C LEU A 312 10.56 -17.88 7.12
N SER A 313 9.36 -17.81 6.53
CA SER A 313 9.18 -18.24 5.15
C SER A 313 9.97 -17.36 4.18
N GLY A 314 10.04 -16.05 4.45
CA GLY A 314 10.68 -15.15 3.51
C GLY A 314 12.15 -15.44 3.30
N CYS A 315 12.89 -15.61 4.40
CA CYS A 315 14.32 -15.87 4.28
C CYS A 315 14.62 -17.31 3.87
N LEU A 316 13.80 -18.27 4.31
CA LEU A 316 14.02 -19.66 3.92
C LEU A 316 13.76 -19.86 2.44
N CYS A 317 12.69 -19.24 1.91
CA CYS A 317 12.45 -19.31 0.48
C CYS A 317 13.57 -18.63 -0.30
N GLU A 318 14.03 -17.47 0.18
CA GLU A 318 15.16 -16.79 -0.45
C GLU A 318 16.42 -17.65 -0.38
N LEU A 319 16.58 -18.39 0.72
CA LEU A 319 17.70 -19.33 0.81
C LEU A 319 17.54 -20.45 -0.21
N TYR A 320 16.31 -20.93 -0.40
CA TYR A 320 16.08 -22.06 -1.30
C TYR A 320 16.45 -21.71 -2.73
N MET A 321 16.05 -20.53 -3.19
CA MET A 321 16.28 -20.15 -4.59
C MET A 321 17.64 -19.51 -4.81
N ALA A 322 18.29 -19.00 -3.77
CA ALA A 322 19.70 -18.62 -3.92
C ALA A 322 20.55 -19.84 -4.24
N PHE A 323 20.25 -20.97 -3.60
CA PHE A 323 20.91 -22.22 -3.96
C PHE A 323 20.57 -22.65 -5.37
N MET A 324 19.28 -22.55 -5.74
CA MET A 324 18.87 -22.94 -7.09
C MET A 324 19.48 -22.01 -8.15
N ASP A 325 19.47 -20.70 -7.89
CA ASP A 325 19.98 -19.74 -8.86
C ASP A 325 21.47 -19.93 -9.09
N ARG A 326 22.19 -20.39 -8.07
CA ARG A 326 23.64 -20.28 -8.08
C ARG A 326 24.30 -21.17 -9.12
N LEU A 327 23.73 -22.36 -9.33
CA LEU A 327 24.30 -23.31 -10.33
C LEU A 327 23.99 -22.81 -11.74
N TYR A 328 22.85 -22.14 -11.93
CA TYR A 328 22.46 -21.63 -13.23
C TYR A 328 23.07 -20.27 -13.53
N PHE A 329 23.14 -19.39 -12.52
CA PHE A 329 23.70 -18.06 -12.71
C PHE A 329 25.22 -18.01 -12.66
N SER A 330 25.88 -19.09 -12.24
CA SER A 330 27.33 -19.14 -12.35
C SER A 330 27.80 -19.55 -13.74
N ASN A 331 26.90 -20.10 -14.55
CA ASN A 331 27.16 -20.33 -15.98
C ASN A 331 26.90 -19.09 -16.82
N LEU A 332 26.47 -18.00 -16.18
CA LEU A 332 26.09 -16.79 -16.91
C LEU A 332 27.25 -16.29 -17.75
N ASP A 333 26.97 -16.00 -19.01
CA ASP A 333 27.99 -15.45 -19.90
C ASP A 333 28.37 -14.04 -19.46
N LYS A 334 29.50 -13.57 -19.98
CA LYS A 334 30.03 -12.28 -19.56
C LYS A 334 29.10 -11.12 -19.92
N ASP A 335 28.36 -11.24 -21.04
CA ASP A 335 27.57 -10.14 -21.56
C ASP A 335 26.25 -9.94 -20.83
N ALA A 336 25.87 -10.85 -19.92
CA ALA A 336 24.51 -10.86 -19.43
C ALA A 336 24.33 -10.08 -18.14
N PHE A 337 23.09 -9.71 -17.89
CA PHE A 337 22.64 -9.04 -16.68
C PHE A 337 21.57 -9.90 -16.02
N ILE A 338 21.73 -10.18 -14.74
CA ILE A 338 20.76 -10.98 -14.03
C ILE A 338 20.46 -10.40 -12.66
N HIS A 339 19.18 -10.27 -12.36
CA HIS A 339 18.76 -9.82 -11.05
C HIS A 339 17.46 -10.43 -10.68
N ARG A 340 17.36 -10.86 -9.43
CA ARG A 340 16.16 -11.49 -8.93
C ARG A 340 15.79 -10.86 -7.59
N THR A 341 14.54 -10.45 -7.47
CA THR A 341 14.04 -9.95 -6.20
C THR A 341 12.88 -10.81 -5.74
N VAL A 342 13.21 -11.81 -4.93
CA VAL A 342 12.21 -12.75 -4.43
C VAL A 342 11.75 -13.71 -5.52
N ASP A 343 10.67 -13.37 -6.22
CA ASP A 343 10.13 -14.27 -7.23
C ASP A 343 10.04 -13.62 -8.60
N ASP A 344 10.74 -12.51 -8.79
CA ASP A 344 10.78 -11.86 -10.09
C ASP A 344 12.19 -11.90 -10.64
N TYR A 345 12.31 -12.24 -11.92
CA TYR A 345 13.60 -12.33 -12.57
C TYR A 345 13.77 -11.22 -13.60
N PHE A 346 14.96 -10.63 -13.62
CA PHE A 346 15.29 -9.62 -14.62
C PHE A 346 16.58 -10.03 -15.31
N PHE A 347 16.48 -10.38 -16.59
CA PHE A 347 17.63 -10.89 -17.33
C PHE A 347 17.77 -10.11 -18.62
N CYS A 348 18.98 -9.64 -18.91
CA CYS A 348 19.24 -8.89 -20.13
C CYS A 348 20.53 -9.38 -20.77
N SER A 349 20.59 -9.26 -22.10
CA SER A 349 21.77 -9.68 -22.84
C SER A 349 21.72 -9.06 -24.23
N PRO A 350 22.86 -8.70 -24.82
CA PRO A 350 22.83 -8.19 -26.21
C PRO A 350 22.35 -9.22 -27.21
N HIS A 351 22.45 -10.51 -26.90
CA HIS A 351 22.02 -11.55 -27.83
C HIS A 351 20.59 -11.96 -27.51
N PRO A 352 19.63 -11.71 -28.41
CA PRO A 352 18.24 -12.08 -28.11
C PRO A 352 18.03 -13.56 -27.88
N HIS A 353 18.82 -14.41 -28.53
CA HIS A 353 18.67 -15.86 -28.32
C HIS A 353 19.01 -16.25 -26.89
N LYS A 354 19.97 -15.57 -26.26
CA LYS A 354 20.28 -15.83 -24.86
C LYS A 354 19.09 -15.49 -23.97
N VAL A 355 18.45 -14.35 -24.23
CA VAL A 355 17.28 -13.95 -23.45
C VAL A 355 16.12 -14.92 -23.67
N TYR A 356 15.90 -15.32 -24.93
CA TYR A 356 14.79 -16.24 -25.22
C TYR A 356 14.99 -17.57 -24.51
N ASP A 357 16.22 -18.06 -24.44
CA ASP A 357 16.51 -19.30 -23.73
C ASP A 357 16.18 -19.16 -22.25
N PHE A 358 16.46 -17.99 -21.66
CA PHE A 358 16.21 -17.79 -20.24
C PHE A 358 14.73 -17.91 -19.91
N GLU A 359 13.88 -17.39 -20.78
CA GLU A 359 12.42 -17.43 -20.51
C GLU A 359 11.96 -18.89 -20.40
N LEU A 360 12.35 -19.71 -21.39
N LEU A 360 12.30 -19.70 -21.41
CA LEU A 360 11.93 -21.14 -21.39
CA LEU A 360 11.91 -21.14 -21.40
C LEU A 360 12.62 -21.86 -20.23
C LEU A 360 12.62 -21.87 -20.24
N LEU A 361 13.88 -21.52 -19.97
CA LEU A 361 14.64 -22.15 -18.87
C LEU A 361 13.87 -21.98 -17.55
N ILE A 362 13.44 -20.75 -17.23
CA ILE A 362 12.67 -20.57 -16.00
C ILE A 362 11.33 -21.29 -16.08
N LYS A 363 10.65 -21.18 -17.23
CA LYS A 363 9.35 -21.84 -17.40
C LYS A 363 9.47 -23.35 -17.22
N GLY A 364 10.66 -23.91 -17.48
CA GLY A 364 10.85 -25.35 -17.29
C GLY A 364 11.08 -25.75 -15.85
N VAL A 365 11.57 -24.84 -15.02
CA VAL A 365 11.82 -25.15 -13.62
C VAL A 365 10.64 -24.75 -12.74
N TYR A 366 10.18 -23.51 -12.87
CA TYR A 366 9.09 -22.98 -12.07
C TYR A 366 7.86 -22.75 -12.94
N GLN A 367 6.69 -22.74 -12.29
CA GLN A 367 5.47 -22.32 -12.96
C GLN A 367 5.47 -20.80 -13.06
N VAL A 368 5.14 -20.29 -14.23
CA VAL A 368 5.21 -18.86 -14.53
C VAL A 368 3.80 -18.28 -14.59
N ASN A 369 3.67 -17.05 -14.09
CA ASN A 369 2.46 -16.26 -14.26
C ASN A 369 2.58 -15.48 -15.56
N PRO A 370 2.01 -15.97 -16.67
CA PRO A 370 2.29 -15.36 -17.98
C PRO A 370 1.70 -13.98 -18.16
N THR A 371 0.67 -13.62 -17.39
CA THR A 371 0.05 -12.30 -17.55
C THR A 371 0.96 -11.16 -17.11
N LYS A 372 2.07 -11.45 -16.44
CA LYS A 372 2.98 -10.44 -15.95
C LYS A 372 4.34 -10.46 -16.64
N THR A 373 4.49 -11.24 -17.72
CA THR A 373 5.75 -11.31 -18.45
C THR A 373 5.88 -10.08 -19.34
N ARG A 374 6.97 -9.33 -19.17
CA ARG A 374 7.27 -8.15 -19.97
C ARG A 374 8.62 -8.35 -20.66
N THR A 375 8.65 -8.10 -21.96
CA THR A 375 9.88 -8.29 -22.73
C THR A 375 9.80 -7.45 -24.01
N ASN A 376 10.98 -7.21 -24.58
CA ASN A 376 11.09 -6.56 -25.89
C ASN A 376 11.48 -7.55 -26.98
N LEU A 377 11.42 -8.85 -26.71
CA LEU A 377 11.77 -9.85 -27.70
C LEU A 377 10.74 -9.84 -28.84
N PRO A 378 11.17 -9.70 -30.09
CA PRO A 378 10.21 -9.77 -31.21
C PRO A 378 9.50 -11.11 -31.34
N THR A 379 10.05 -12.17 -30.76
CA THR A 379 9.41 -13.48 -30.84
C THR A 379 8.06 -13.51 -30.14
N HIS A 380 7.82 -12.59 -29.20
CA HIS A 380 6.62 -12.59 -28.37
C HIS A 380 5.45 -11.89 -29.09
N ARG A 381 4.29 -11.92 -28.42
CA ARG A 381 3.09 -11.28 -28.98
C ARG A 381 3.20 -9.76 -28.92
N HIS A 382 3.44 -9.22 -27.72
CA HIS A 382 3.22 -7.82 -27.42
C HIS A 382 4.49 -7.22 -26.80
N PRO A 383 5.54 -7.06 -27.59
CA PRO A 383 6.81 -6.56 -27.05
C PRO A 383 6.72 -5.08 -26.70
N GLN A 384 7.59 -4.67 -25.78
CA GLN A 384 7.66 -3.28 -25.35
C GLN A 384 9.05 -3.02 -24.79
N ASP A 385 9.53 -1.78 -24.98
CA ASP A 385 10.84 -1.41 -24.48
C ASP A 385 10.85 -1.15 -22.98
N GLU A 386 9.75 -0.63 -22.43
CA GLU A 386 9.69 -0.29 -21.02
C GLU A 386 9.31 -1.52 -20.21
N ILE A 387 10.15 -1.89 -19.23
CA ILE A 387 9.93 -3.07 -18.41
C ILE A 387 9.90 -2.66 -16.95
N PRO A 388 8.81 -2.93 -16.23
CA PRO A 388 8.77 -2.62 -14.80
C PRO A 388 9.45 -3.72 -13.99
N TYR A 389 10.23 -3.31 -13.00
CA TYR A 389 10.92 -4.27 -12.15
C TYR A 389 11.36 -3.58 -10.86
N CYS A 390 10.98 -4.17 -9.73
CA CYS A 390 11.43 -3.72 -8.41
C CYS A 390 11.10 -2.25 -8.18
N GLY A 391 9.90 -1.83 -8.59
CA GLY A 391 9.44 -0.48 -8.37
C GLY A 391 9.97 0.55 -9.34
N LYS A 392 10.69 0.14 -10.37
CA LYS A 392 11.24 1.06 -11.37
C LYS A 392 10.89 0.56 -12.76
N ILE A 393 11.04 1.46 -13.74
CA ILE A 393 10.77 1.15 -15.14
C ILE A 393 12.07 1.29 -15.92
N PHE A 394 12.48 0.23 -16.59
CA PHE A 394 13.72 0.20 -17.36
C PHE A 394 13.40 0.24 -18.84
N ASN A 395 14.02 1.18 -19.55
CA ASN A 395 13.87 1.30 -20.99
C ASN A 395 15.10 0.68 -21.64
N LEU A 396 14.93 -0.47 -22.29
CA LEU A 396 16.07 -1.21 -22.84
C LEU A 396 16.73 -0.45 -23.98
N THR A 397 15.99 0.41 -24.68
CA THR A 397 16.57 1.13 -25.81
C THR A 397 17.37 2.34 -25.32
N THR A 398 16.76 3.19 -24.51
CA THR A 398 17.39 4.41 -24.04
C THR A 398 18.17 4.24 -22.74
N ARG A 399 18.09 3.07 -22.11
N ARG A 399 18.05 3.06 -22.11
CA ARG A 399 18.76 2.75 -20.85
CA ARG A 399 18.78 2.77 -20.84
C ARG A 399 18.31 3.66 -19.71
C ARG A 399 18.38 3.76 -19.74
N GLN A 400 17.18 4.34 -19.86
CA GLN A 400 16.69 5.24 -18.82
C GLN A 400 15.84 4.46 -17.83
N VAL A 401 16.07 4.69 -16.54
CA VAL A 401 15.27 4.08 -15.48
C VAL A 401 14.36 5.15 -14.90
N ARG A 402 13.13 4.76 -14.58
CA ARG A 402 12.13 5.73 -14.17
C ARG A 402 11.23 5.08 -13.12
N THR A 403 10.68 5.92 -12.24
CA THR A 403 9.87 5.42 -11.13
C THR A 403 8.56 4.83 -11.62
N LEU A 404 8.15 3.73 -11.00
CA LEU A 404 6.90 3.06 -11.30
C LEU A 404 5.86 3.42 -10.25
N TYR A 405 4.63 3.66 -10.69
CA TYR A 405 3.57 4.06 -9.75
C TYR A 405 2.39 3.11 -9.91
N LYS A 406 2.01 2.43 -8.82
CA LYS A 406 0.84 1.52 -8.87
C LYS A 406 -0.44 2.35 -8.75
N LEU A 407 -0.87 2.97 -9.85
CA LEU A 407 -2.06 3.85 -9.83
C LEU A 407 -3.06 3.33 -10.85
N PRO A 408 -3.86 2.30 -10.52
CA PRO A 408 -4.80 1.73 -11.46
C PRO A 408 -5.90 2.74 -11.81
N PRO A 409 -6.65 2.62 -12.95
CA PRO A 409 -7.76 3.54 -13.19
C PRO A 409 -8.75 3.54 -12.04
N ASN A 410 -9.31 4.72 -11.76
CA ASN A 410 -10.29 4.97 -10.70
C ASN A 410 -9.72 4.84 -9.30
N TYR A 411 -8.41 4.64 -9.17
CA TYR A 411 -7.79 4.55 -7.86
C TYR A 411 -7.89 5.89 -7.13
N GLU A 412 -8.21 5.85 -5.84
CA GLU A 412 -8.30 7.04 -5.02
C GLU A 412 -6.91 7.33 -4.44
N ILE A 413 -6.32 8.44 -4.88
CA ILE A 413 -4.93 8.74 -4.55
C ILE A 413 -4.72 8.87 -3.05
N ARG A 414 -5.78 9.21 -2.31
CA ARG A 414 -5.65 9.38 -0.86
C ARG A 414 -5.29 8.08 -0.15
N HIS A 415 -5.48 6.93 -0.81
CA HIS A 415 -5.13 5.66 -0.18
C HIS A 415 -3.63 5.47 -0.04
N LYS A 416 -2.82 6.26 -0.74
CA LYS A 416 -1.37 6.13 -0.70
C LYS A 416 -0.72 6.83 0.48
N PHE A 417 -1.48 7.56 1.28
CA PHE A 417 -0.92 8.35 2.37
C PHE A 417 -1.58 7.99 3.68
N LYS A 418 -0.81 8.04 4.76
CA LYS A 418 -1.29 7.80 6.12
C LYS A 418 -1.18 9.11 6.88
N LEU A 419 -2.30 9.83 6.98
CA LEU A 419 -2.32 11.12 7.67
C LEU A 419 -2.54 10.99 9.17
N TRP A 420 -3.23 9.95 9.60
CA TRP A 420 -3.64 9.81 10.99
C TRP A 420 -2.79 8.75 11.68
N ASN A 421 -2.08 9.17 12.73
CA ASN A 421 -1.32 8.27 13.58
C ASN A 421 -2.03 8.18 14.92
N PHE A 422 -2.59 7.01 15.22
CA PHE A 422 -3.29 6.87 16.49
C PHE A 422 -2.35 6.96 17.69
N ASN A 423 -1.04 6.90 17.49
CA ASN A 423 -0.08 6.90 18.59
C ASN A 423 0.49 8.28 18.90
N ASN A 424 0.56 9.17 17.92
CA ASN A 424 0.72 10.60 18.19
C ASN A 424 -0.59 11.26 17.78
N GLN A 425 -1.29 11.84 18.73
CA GLN A 425 -2.59 12.43 18.46
C GLN A 425 -2.50 13.95 18.51
N ILE A 426 -3.24 14.57 17.60
CA ILE A 426 -3.15 16.00 17.32
C ILE A 426 -4.53 16.61 17.49
N SER A 427 -4.59 17.72 18.21
CA SER A 427 -5.84 18.39 18.50
C SER A 427 -6.53 18.89 17.24
N ASP A 428 -7.87 18.92 17.28
CA ASP A 428 -8.65 19.50 16.20
C ASP A 428 -8.53 21.02 16.12
N ASP A 429 -8.09 21.66 17.20
N ASP A 429 -8.10 21.67 17.20
CA ASP A 429 -7.87 23.11 17.22
CA ASP A 429 -7.88 23.11 17.17
C ASP A 429 -6.52 23.49 16.62
C ASP A 429 -6.51 23.50 16.64
N ASN A 430 -5.71 22.52 16.22
CA ASN A 430 -4.38 22.76 15.65
C ASN A 430 -4.25 22.02 14.33
N PRO A 431 -4.94 22.49 13.27
CA PRO A 431 -4.69 21.96 11.94
C PRO A 431 -3.35 22.39 11.39
N ALA A 432 -2.66 23.32 12.05
CA ALA A 432 -1.37 23.81 11.57
C ALA A 432 -0.35 22.68 11.53
N ARG A 433 -0.18 21.96 12.63
CA ARG A 433 0.83 20.90 12.64
C ARG A 433 0.38 19.68 11.84
N PHE A 434 -0.92 19.38 11.84
CA PHE A 434 -1.42 18.26 11.04
C PHE A 434 -0.94 18.38 9.61
N LEU A 435 -1.01 19.59 9.03
CA LEU A 435 -0.50 19.80 7.68
C LEU A 435 1.03 19.74 7.65
N GLN A 436 1.70 20.37 8.62
CA GLN A 436 3.17 20.33 8.64
C GLN A 436 3.69 18.91 8.76
N LYS A 437 3.08 18.11 9.64
CA LYS A 437 3.53 16.73 9.83
C LYS A 437 3.34 15.89 8.57
N ALA A 438 2.25 16.14 7.86
CA ALA A 438 1.95 15.37 6.63
C ALA A 438 3.02 15.67 5.59
N MET A 439 3.68 16.83 5.68
CA MET A 439 4.76 17.15 4.72
C MET A 439 6.08 16.49 5.16
N ASP A 440 6.06 15.20 5.49
CA ASP A 440 7.27 14.51 6.00
C ASP A 440 7.98 13.88 4.80
N PHE A 441 9.30 14.03 4.72
CA PHE A 441 10.07 13.52 3.56
C PHE A 441 9.92 12.00 3.34
N PRO A 442 9.88 11.09 4.34
CA PRO A 442 9.94 9.65 4.04
C PRO A 442 8.88 9.12 3.09
N PHE A 443 7.67 9.69 3.02
CA PHE A 443 6.63 9.03 2.24
C PHE A 443 6.99 8.98 0.76
N ILE A 444 7.94 9.79 0.31
CA ILE A 444 8.37 9.85 -1.07
C ILE A 444 9.86 9.56 -1.23
N CYS A 445 10.57 9.26 -0.14
CA CYS A 445 12.02 9.10 -0.21
C CYS A 445 12.45 7.92 -1.07
N ASN A 446 11.56 6.97 -1.34
CA ASN A 446 11.90 5.89 -2.26
C ASN A 446 11.90 6.34 -3.71
N SER A 447 11.36 7.53 -4.01
CA SER A 447 11.47 8.13 -5.33
C SER A 447 12.65 9.10 -5.43
N PHE A 448 13.44 9.23 -4.37
CA PHE A 448 14.58 10.14 -4.33
C PHE A 448 15.91 9.40 -4.27
N THR A 449 15.94 8.14 -4.72
CA THR A 449 17.13 7.31 -4.57
C THR A 449 18.15 7.62 -5.66
N LYS A 450 19.27 6.88 -5.61
CA LYS A 450 20.31 7.04 -6.62
C LYS A 450 19.82 6.61 -8.00
N PHE A 451 18.74 5.83 -8.08
CA PHE A 451 18.19 5.42 -9.38
C PHE A 451 17.61 6.62 -10.13
N GLU A 452 16.90 7.50 -9.42
CA GLU A 452 16.15 8.56 -10.09
C GLU A 452 17.02 9.74 -10.49
N PHE A 453 18.04 10.07 -9.70
CA PHE A 453 18.73 11.34 -9.82
C PHE A 453 20.18 11.22 -10.30
N ASN A 454 20.61 10.03 -10.72
CA ASN A 454 21.96 9.90 -11.22
C ASN A 454 22.07 10.50 -12.62
N THR A 455 23.31 10.65 -13.09
CA THR A 455 23.57 11.07 -14.46
C THR A 455 24.66 10.21 -15.10
N VAL A 456 24.75 8.95 -14.69
CA VAL A 456 25.69 8.00 -15.29
C VAL A 456 25.08 7.30 -16.49
N PHE A 457 23.79 6.94 -16.42
CA PHE A 457 23.04 6.42 -17.56
C PHE A 457 21.72 7.16 -17.79
N ASN A 458 21.21 7.88 -16.81
CA ASN A 458 19.98 8.66 -16.94
C ASN A 458 20.29 10.04 -17.49
N ASP A 459 19.45 10.49 -18.42
CA ASP A 459 19.57 11.83 -18.98
C ASP A 459 19.01 12.86 -18.01
N GLN A 460 19.35 14.12 -18.25
CA GLN A 460 18.76 15.19 -17.43
C GLN A 460 17.26 15.26 -17.63
N ARG A 461 16.77 14.90 -18.82
CA ARG A 461 15.32 14.83 -19.03
C ARG A 461 14.67 13.84 -18.08
N THR A 462 15.30 12.68 -17.87
CA THR A 462 14.71 11.67 -16.98
C THR A 462 14.79 12.10 -15.52
N VAL A 463 15.89 12.74 -15.13
CA VAL A 463 16.02 13.21 -13.75
C VAL A 463 14.94 14.23 -13.44
N PHE A 464 14.72 15.18 -14.36
CA PHE A 464 13.65 16.15 -14.17
C PHE A 464 12.29 15.46 -14.12
N ALA A 465 12.07 14.49 -15.01
CA ALA A 465 10.79 13.79 -15.05
C ALA A 465 10.56 13.00 -13.77
N ASN A 466 11.61 12.36 -13.24
CA ASN A 466 11.49 11.66 -11.96
C ASN A 466 11.16 12.63 -10.83
N PHE A 467 11.84 13.78 -10.80
CA PHE A 467 11.58 14.76 -9.76
C PHE A 467 10.16 15.31 -9.87
N TYR A 468 9.72 15.60 -11.10
CA TYR A 468 8.37 16.12 -11.31
C TYR A 468 7.33 15.11 -10.82
N ASP A 469 7.48 13.85 -11.19
CA ASP A 469 6.52 12.83 -10.79
C ASP A 469 6.48 12.68 -9.27
N ALA A 470 7.65 12.74 -8.62
CA ALA A 470 7.67 12.68 -7.16
C ALA A 470 6.93 13.86 -6.54
N MET A 471 7.13 15.06 -7.07
CA MET A 471 6.48 16.24 -6.52
C MET A 471 4.97 16.22 -6.78
N ILE A 472 4.50 15.51 -7.80
CA ILE A 472 3.07 15.32 -7.99
C ILE A 472 2.48 14.56 -6.82
N CYS A 473 3.19 13.53 -6.36
CA CYS A 473 2.71 12.75 -5.19
C CYS A 473 2.69 13.65 -3.95
N VAL A 474 3.71 14.51 -3.80
CA VAL A 474 3.73 15.43 -2.66
C VAL A 474 2.55 16.38 -2.72
N ALA A 475 2.24 16.90 -3.92
CA ALA A 475 1.09 17.78 -4.07
C ALA A 475 -0.22 17.05 -3.77
N TYR A 476 -0.34 15.79 -4.21
CA TYR A 476 -1.55 15.03 -3.93
C TYR A 476 -1.70 14.76 -2.44
N LYS A 477 -0.60 14.55 -1.72
CA LYS A 477 -0.69 14.39 -0.28
C LYS A 477 -1.08 15.69 0.39
N PHE A 478 -0.60 16.82 -0.15
CA PHE A 478 -1.03 18.12 0.39
C PHE A 478 -2.53 18.28 0.22
N ASP A 479 -3.06 17.92 -0.95
CA ASP A 479 -4.49 18.02 -1.19
C ASP A 479 -5.28 17.11 -0.25
N ALA A 480 -4.78 15.88 -0.03
CA ALA A 480 -5.46 14.95 0.86
C ALA A 480 -5.51 15.49 2.30
N ALA A 481 -4.43 16.12 2.75
CA ALA A 481 -4.42 16.72 4.08
C ALA A 481 -5.41 17.87 4.19
N MET A 482 -5.51 18.69 3.14
CA MET A 482 -6.50 19.78 3.16
C MET A 482 -7.91 19.24 3.22
N MET A 483 -8.20 18.16 2.49
CA MET A 483 -9.55 17.62 2.49
C MET A 483 -9.90 16.96 3.81
N ALA A 484 -8.90 16.45 4.54
CA ALA A 484 -9.16 15.85 5.84
C ALA A 484 -9.47 16.89 6.91
N LEU A 485 -9.00 18.12 6.73
CA LEU A 485 -9.21 19.18 7.70
C LEU A 485 -10.51 19.93 7.41
N ARG A 486 -10.90 20.78 8.36
CA ARG A 486 -12.16 21.50 8.25
C ARG A 486 -12.13 22.47 7.07
N THR A 487 -13.32 22.76 6.53
CA THR A 487 -13.43 23.61 5.35
C THR A 487 -12.87 25.01 5.58
N SER A 488 -13.01 25.53 6.80
CA SER A 488 -12.58 26.89 7.08
C SER A 488 -11.06 27.04 7.07
N PHE A 489 -10.31 25.96 7.34
CA PHE A 489 -8.88 26.06 7.60
C PHE A 489 -8.15 26.86 6.53
N LEU A 490 -8.57 26.73 5.27
CA LEU A 490 -7.80 27.30 4.17
C LEU A 490 -7.73 28.82 4.24
N VAL A 491 -8.86 29.50 4.41
CA VAL A 491 -8.85 30.94 4.22
C VAL A 491 -8.59 31.71 5.52
N ASN A 492 -8.78 31.08 6.69
CA ASN A 492 -8.37 31.73 7.93
C ASN A 492 -6.86 31.69 8.10
N ASP A 493 -6.24 30.56 7.79
CA ASP A 493 -4.80 30.37 7.98
C ASP A 493 -4.07 30.31 6.65
N PHE A 494 -4.49 31.16 5.71
CA PHE A 494 -3.87 31.18 4.38
C PHE A 494 -2.40 31.53 4.48
N GLY A 495 -2.03 32.50 5.31
CA GLY A 495 -0.63 32.86 5.46
C GLY A 495 0.23 31.71 5.95
N PHE A 496 -0.27 30.97 6.95
CA PHE A 496 0.47 29.81 7.44
C PHE A 496 0.58 28.73 6.37
N ILE A 497 -0.52 28.46 5.67
CA ILE A 497 -0.51 27.42 4.64
C ILE A 497 0.49 27.77 3.55
N TRP A 498 0.55 29.04 3.17
CA TRP A 498 1.51 29.46 2.14
C TRP A 498 2.94 29.23 2.60
N LEU A 499 3.26 29.60 3.84
CA LEU A 499 4.61 29.38 4.35
C LEU A 499 4.97 27.90 4.40
N VAL A 500 4.01 27.06 4.78
CA VAL A 500 4.23 25.61 4.75
C VAL A 500 4.46 25.14 3.32
N LEU A 501 3.67 25.66 2.38
CA LEU A 501 3.84 25.30 0.97
C LEU A 501 5.21 25.73 0.46
N SER A 502 5.60 26.98 0.74
CA SER A 502 6.90 27.47 0.28
C SER A 502 8.03 26.68 0.90
N SER A 503 7.95 26.40 2.20
CA SER A 503 9.02 25.64 2.87
C SER A 503 9.12 24.24 2.31
N THR A 504 7.98 23.64 1.93
CA THR A 504 7.99 22.30 1.37
C THR A 504 8.73 22.26 0.04
N VAL A 505 8.54 23.29 -0.80
CA VAL A 505 9.18 23.32 -2.10
C VAL A 505 10.70 23.43 -1.97
N ARG A 506 11.18 24.31 -1.09
CA ARG A 506 12.62 24.40 -0.85
C ARG A 506 13.19 23.05 -0.45
N ALA A 507 12.60 22.42 0.56
CA ALA A 507 13.20 21.23 1.15
C ALA A 507 13.30 20.10 0.13
N TYR A 508 12.26 19.91 -0.66
CA TYR A 508 12.29 18.85 -1.67
C TYR A 508 13.23 19.21 -2.82
N ALA A 509 13.23 20.47 -3.24
CA ALA A 509 14.17 20.89 -4.28
C ALA A 509 15.61 20.79 -3.77
N SER A 510 15.85 21.22 -2.53
CA SER A 510 17.20 21.12 -1.97
C SER A 510 17.63 19.67 -1.82
N ARG A 511 16.71 18.81 -1.37
N ARG A 511 16.71 18.80 -1.38
CA ARG A 511 17.05 17.38 -1.25
CA ARG A 511 17.06 17.39 -1.25
C ARG A 511 17.37 16.77 -2.61
C ARG A 511 17.37 16.77 -2.61
N ALA A 512 16.57 17.10 -3.63
CA ALA A 512 16.85 16.61 -4.97
C ALA A 512 18.16 17.15 -5.51
N PHE A 513 18.44 18.44 -5.27
CA PHE A 513 19.67 19.04 -5.75
C PHE A 513 20.89 18.37 -5.14
N LYS A 514 20.86 18.09 -3.83
CA LYS A 514 21.98 17.43 -3.19
C LYS A 514 22.15 16.01 -3.71
N LYS A 515 21.06 15.28 -3.93
CA LYS A 515 21.16 13.92 -4.46
C LYS A 515 21.72 13.92 -5.88
N ILE A 516 21.42 14.95 -6.66
CA ILE A 516 21.91 14.99 -8.05
C ILE A 516 23.42 15.19 -8.08
N VAL A 517 23.94 16.11 -7.28
CA VAL A 517 25.37 16.42 -7.34
C VAL A 517 26.20 15.25 -6.82
N THR A 518 25.70 14.50 -5.84
CA THR A 518 26.46 13.37 -5.33
C THR A 518 26.60 12.26 -6.37
N TYR A 519 25.60 12.08 -7.23
CA TYR A 519 25.61 11.04 -8.24
C TYR A 519 25.82 11.62 -9.63
N LYS A 520 26.70 12.62 -9.73
CA LYS A 520 27.09 13.15 -11.03
C LYS A 520 27.65 12.05 -11.91
N GLY A 521 27.30 12.08 -13.19
CA GLY A 521 27.87 11.16 -14.15
C GLY A 521 28.31 11.88 -15.40
N GLY A 522 28.65 11.12 -16.44
CA GLY A 522 29.09 11.73 -17.69
C GLY A 522 28.01 12.54 -18.38
N LYS A 523 26.76 12.42 -17.95
CA LYS A 523 25.65 13.14 -18.56
C LYS A 523 25.14 14.32 -17.75
N TYR A 524 25.66 14.57 -16.55
CA TYR A 524 25.24 15.75 -15.83
C TYR A 524 25.76 16.99 -16.56
N ARG A 525 24.86 17.89 -16.94
CA ARG A 525 25.27 19.06 -17.71
C ARG A 525 25.07 20.36 -16.96
N LYS A 526 23.85 20.70 -16.56
CA LYS A 526 23.62 21.84 -15.68
C LYS A 526 22.22 21.72 -15.12
N VAL A 527 22.11 21.52 -13.81
CA VAL A 527 20.85 21.63 -13.10
C VAL A 527 21.03 22.71 -12.05
N THR A 528 20.10 23.67 -12.03
CA THR A 528 20.16 24.77 -11.09
C THR A 528 19.01 24.64 -10.09
N PHE A 529 19.28 25.05 -8.85
CA PHE A 529 18.30 24.90 -7.78
C PHE A 529 16.99 25.62 -8.13
N GLN A 530 17.09 26.76 -8.82
CA GLN A 530 15.89 27.49 -9.23
C GLN A 530 15.04 26.67 -10.18
N CYS A 531 15.66 25.95 -11.12
CA CYS A 531 14.91 25.12 -12.04
C CYS A 531 14.17 24.01 -11.30
N LEU A 532 14.79 23.43 -10.29
CA LEU A 532 14.12 22.43 -9.46
C LEU A 532 12.93 23.04 -8.74
N LYS A 533 13.09 24.26 -8.21
CA LYS A 533 11.96 24.94 -7.59
C LYS A 533 10.82 25.16 -8.57
N SER A 534 11.14 25.56 -9.80
CA SER A 534 10.11 25.79 -10.81
C SER A 534 9.35 24.50 -11.11
N ILE A 535 10.06 23.38 -11.24
CA ILE A 535 9.40 22.10 -11.51
C ILE A 535 8.48 21.73 -10.35
N ALA A 536 8.95 21.90 -9.11
CA ALA A 536 8.13 21.56 -7.96
C ALA A 536 6.87 22.42 -7.89
N TRP A 537 7.01 23.72 -8.16
CA TRP A 537 5.84 24.59 -8.16
C TRP A 537 4.83 24.17 -9.22
N ARG A 538 5.30 23.82 -10.42
CA ARG A 538 4.40 23.39 -11.48
C ARG A 538 3.71 22.09 -11.13
N ALA A 539 4.38 21.22 -10.35
CA ALA A 539 3.72 20.00 -9.90
C ALA A 539 2.53 20.33 -9.01
N PHE A 540 2.70 21.29 -8.10
CA PHE A 540 1.58 21.72 -7.26
C PHE A 540 0.49 22.35 -8.11
N LEU A 541 0.86 23.15 -9.11
CA LEU A 541 -0.14 23.78 -9.96
C LEU A 541 -0.99 22.74 -10.67
N ALA A 542 -0.36 21.68 -11.19
CA ALA A 542 -1.11 20.65 -11.91
C ALA A 542 -2.12 19.95 -11.00
N VAL A 543 -1.74 19.73 -9.74
CA VAL A 543 -2.62 19.03 -8.82
C VAL A 543 -3.68 19.96 -8.24
N LEU A 544 -3.27 21.15 -7.79
CA LEU A 544 -4.23 22.08 -7.20
C LEU A 544 -5.29 22.52 -8.19
N LYS A 545 -5.02 22.45 -9.48
CA LYS A 545 -6.01 22.82 -10.48
C LYS A 545 -7.13 21.80 -10.61
N ARG A 546 -7.00 20.63 -10.00
CA ARG A 546 -8.12 19.70 -9.99
C ARG A 546 -9.26 20.22 -9.11
N ARG A 547 -8.97 21.19 -8.24
CA ARG A 547 -9.97 21.92 -7.45
C ARG A 547 -9.67 23.42 -7.50
N THR A 548 -9.51 23.96 -8.71
CA THR A 548 -9.24 25.38 -8.91
C THR A 548 -10.10 26.26 -8.02
N GLU A 549 -11.35 25.85 -7.82
CA GLU A 549 -12.32 26.70 -7.14
C GLU A 549 -11.91 26.91 -5.69
N ILE A 550 -11.55 25.81 -5.03
CA ILE A 550 -11.13 25.82 -3.64
C ILE A 550 -9.75 26.45 -3.50
N TYR A 551 -8.83 26.12 -4.41
CA TYR A 551 -7.42 26.49 -4.27
C TYR A 551 -7.02 27.69 -5.12
N LYS A 552 -7.97 28.52 -5.56
CA LYS A 552 -7.58 29.60 -6.47
C LYS A 552 -6.61 30.57 -5.83
N GLY A 553 -6.86 30.95 -4.57
CA GLY A 553 -5.95 31.86 -3.88
C GLY A 553 -4.53 31.33 -3.84
N LEU A 554 -4.37 30.02 -3.62
CA LEU A 554 -3.05 29.41 -3.65
C LEU A 554 -2.48 29.41 -5.07
N ILE A 555 -3.30 29.11 -6.07
CA ILE A 555 -2.82 29.05 -7.44
C ILE A 555 -2.32 30.41 -7.90
N ASP A 556 -2.93 31.49 -7.40
CA ASP A 556 -2.55 32.82 -7.87
C ASP A 556 -1.24 33.30 -7.25
N ARG A 557 -1.02 33.09 -5.94
CA ARG A 557 0.30 33.44 -5.41
C ARG A 557 1.41 32.63 -6.08
N ILE A 558 1.15 31.37 -6.47
CA ILE A 558 2.19 30.61 -7.15
C ILE A 558 2.57 31.28 -8.46
N LYS A 559 1.57 31.69 -9.25
CA LYS A 559 1.88 32.33 -10.54
C LYS A 559 2.48 33.70 -10.37
N SER A 560 1.98 34.48 -9.40
N SER A 560 1.98 34.48 -9.40
CA SER A 560 2.36 35.89 -9.31
CA SER A 560 2.35 35.89 -9.31
C SER A 560 3.77 36.08 -8.78
C SER A 560 3.77 36.08 -8.78
N ARG A 561 4.16 35.31 -7.76
CA ARG A 561 5.41 35.57 -7.05
C ARG A 561 6.40 34.39 -7.08
N GLU A 562 6.27 33.47 -8.03
CA GLU A 562 7.24 32.39 -8.20
C GLU A 562 7.61 32.29 -9.68
N LYS A 563 8.88 32.07 -9.97
CA LYS A 563 9.33 32.04 -11.36
C LYS A 563 9.05 30.64 -11.93
N LEU A 564 8.20 30.59 -12.95
CA LEU A 564 7.79 29.30 -13.50
C LEU A 564 8.59 28.91 -14.73
N THR A 565 9.46 29.78 -15.22
CA THR A 565 10.33 29.39 -16.32
C THR A 565 11.41 28.44 -15.82
N MET A 566 11.92 27.65 -16.74
CA MET A 566 12.79 26.52 -16.43
C MET A 566 13.99 26.57 -17.35
N LYS A 567 15.13 26.93 -16.80
CA LYS A 567 16.36 27.00 -17.56
C LYS A 567 17.15 25.73 -17.28
N PHE A 568 17.10 24.84 -18.29
CA PHE A 568 17.90 23.58 -18.26
C PHE A 568 18.80 23.58 -19.49
N HIS A 569 20.09 23.25 -19.31
CA HIS A 569 21.05 23.24 -20.45
C HIS A 569 20.69 22.14 -21.44
N ASP A 570 20.11 21.05 -20.95
CA ASP A 570 19.74 19.94 -21.82
C ASP A 570 18.75 20.41 -22.88
N GLY A 571 19.02 20.07 -24.15
CA GLY A 571 18.20 20.52 -25.24
C GLY A 571 17.21 19.49 -25.76
N GLU A 572 17.49 18.21 -25.54
CA GLU A 572 16.66 17.11 -25.99
C GLU A 572 15.47 16.84 -25.07
N VAL A 573 15.13 17.82 -24.23
CA VAL A 573 14.03 17.75 -23.27
C VAL A 573 12.71 18.12 -23.94
N ASP A 574 11.61 17.90 -23.22
CA ASP A 574 10.28 18.34 -23.65
C ASP A 574 9.64 19.11 -22.50
N ALA A 575 9.50 20.42 -22.67
CA ALA A 575 8.93 21.25 -21.60
C ALA A 575 7.45 21.00 -21.40
N SER A 576 6.76 20.42 -22.38
CA SER A 576 5.32 20.20 -22.25
C SER A 576 4.98 19.25 -21.12
N TYR A 577 5.89 18.34 -20.78
CA TYR A 577 5.62 17.38 -19.72
C TYR A 577 5.42 18.05 -18.38
N PHE A 578 6.07 19.19 -18.15
CA PHE A 578 5.99 19.91 -16.89
C PHE A 578 4.88 20.96 -16.89
N CYS A 579 3.97 20.91 -17.87
CA CYS A 579 2.90 21.88 -17.98
C CYS A 579 1.56 21.36 -17.49
N LYS A 580 1.43 20.04 -17.43
CA LYS A 580 0.13 19.46 -17.04
C LYS A 580 0.36 18.21 -16.20
N LEU A 581 -0.72 17.67 -15.65
CA LEU A 581 -0.64 16.42 -14.90
C LEU A 581 -0.17 15.29 -15.82
N PRO A 582 0.82 14.50 -15.40
CA PRO A 582 1.26 13.38 -16.23
C PRO A 582 0.15 12.38 -16.46
N GLU A 583 0.33 11.55 -17.49
CA GLU A 583 -0.70 10.59 -17.87
C GLU A 583 -1.08 9.67 -16.71
N LYS A 584 -0.11 9.33 -15.87
CA LYS A 584 -0.40 8.45 -14.73
C LYS A 584 -1.38 9.11 -13.76
N PHE A 585 -1.09 10.33 -13.34
CA PHE A 585 -1.85 10.99 -12.28
C PHE A 585 -3.09 11.72 -12.79
N ARG A 586 -3.28 11.81 -14.10
CA ARG A 586 -4.41 12.57 -14.63
C ARG A 586 -5.74 11.91 -14.29
N PHE A 587 -5.78 10.58 -14.22
CA PHE A 587 -7.02 9.85 -14.08
C PHE A 587 -7.23 9.27 -12.68
N VAL A 588 -6.43 9.69 -11.69
CA VAL A 588 -6.68 9.25 -10.33
C VAL A 588 -7.89 10.00 -9.77
N LYS A 589 -8.74 9.27 -9.06
CA LYS A 589 -9.96 9.87 -8.53
C LYS A 589 -9.67 10.54 -7.19
N ILE A 590 -10.19 11.76 -7.03
CA ILE A 590 -9.85 12.60 -5.89
C ILE A 590 -11.05 12.92 -5.02
N ASN A 591 -12.24 12.42 -5.36
CA ASN A 591 -13.45 12.69 -4.60
C ASN A 591 -13.92 11.41 -3.92
N ARG A 592 -14.33 11.53 -2.66
CA ARG A 592 -14.76 10.39 -1.87
C ARG A 592 -16.28 10.31 -1.89
N LYS A 593 -16.80 9.14 -2.29
CA LYS A 593 -18.24 8.90 -2.31
C LYS A 593 -18.50 7.44 -1.97
N ALA A 594 -19.56 7.20 -1.20
CA ALA A 594 -19.89 5.84 -0.77
C ALA A 594 -20.44 5.05 -1.95
N SER A 595 -19.77 3.93 -2.26
CA SER A 595 -20.20 3.03 -3.33
C SER A 595 -20.97 1.83 -2.83
N ILE A 596 -21.02 1.61 -1.52
CA ILE A 596 -21.70 0.45 -0.96
C ILE A 596 -22.82 0.89 -0.02
#